data_1G5V
#
_entry.id   1G5V
#
_cell.length_a   1.000
_cell.length_b   1.000
_cell.length_c   1.000
_cell.angle_alpha   90.00
_cell.angle_beta   90.00
_cell.angle_gamma   90.00
#
_symmetry.space_group_name_H-M   'P 1'
#
_entity_poly.entity_id   1
_entity_poly.type   'polypeptide(L)'
_entity_poly.pdbx_seq_one_letter_code
;KKNTAASLQQWKVGDKCSAIWSEDGCIYPATIASIDFKRETCVVVYTGYGNREEQNLSDLLSPICEVANNIEQNAQENEN
ESQVSTDE
;
_entity_poly.pdbx_strand_id   A
#
# COMPACT_ATOMS: atom_id res chain seq x y z
N GLN A 9 -4.34 0.98 -13.72
CA GLN A 9 -3.36 -0.10 -13.69
C GLN A 9 -1.95 0.45 -13.58
N GLN A 10 -0.96 -0.44 -13.49
CA GLN A 10 0.43 -0.05 -13.38
C GLN A 10 0.66 0.80 -12.14
N TRP A 11 1.13 0.16 -11.06
CA TRP A 11 1.38 0.86 -9.81
C TRP A 11 2.65 1.71 -9.91
N LYS A 12 2.58 2.93 -9.38
CA LYS A 12 3.72 3.84 -9.40
C LYS A 12 3.78 4.66 -8.11
N VAL A 13 4.88 5.39 -7.93
CA VAL A 13 5.05 6.22 -6.74
C VAL A 13 4.03 7.34 -6.69
N GLY A 14 3.43 7.53 -5.52
CA GLY A 14 2.43 8.57 -5.37
C GLY A 14 1.08 8.18 -5.94
N ASP A 15 0.40 7.26 -5.26
CA ASP A 15 -0.91 6.79 -5.71
C ASP A 15 -1.80 6.43 -4.52
N LYS A 16 -3.07 6.79 -4.62
CA LYS A 16 -4.03 6.51 -3.55
C LYS A 16 -4.60 5.10 -3.69
N CYS A 17 -4.07 4.17 -2.89
CA CYS A 17 -4.52 2.79 -2.93
C CYS A 17 -5.11 2.37 -1.58
N SER A 18 -5.40 1.09 -1.44
CA SER A 18 -5.97 0.56 -0.20
C SER A 18 -5.21 -0.67 0.27
N ALA A 19 -4.80 -0.67 1.53
CA ALA A 19 -4.06 -1.79 2.09
C ALA A 19 -4.68 -2.27 3.39
N ILE A 20 -4.65 -3.59 3.60
CA ILE A 20 -5.22 -4.20 4.80
C ILE A 20 -4.21 -4.17 5.94
N TRP A 21 -4.71 -3.98 7.17
CA TRP A 21 -3.85 -3.93 8.34
C TRP A 21 -3.66 -5.32 8.94
N SER A 22 -2.46 -5.58 9.46
CA SER A 22 -2.15 -6.87 10.05
C SER A 22 -2.37 -6.85 11.56
N GLU A 23 -3.18 -5.88 12.02
CA GLU A 23 -3.47 -5.75 13.44
C GLU A 23 -4.91 -6.15 13.73
N ASP A 24 -5.82 -5.80 12.84
CA ASP A 24 -7.24 -6.13 13.02
C ASP A 24 -7.80 -6.78 11.75
N GLY A 25 -7.02 -6.73 10.67
CA GLY A 25 -7.47 -7.30 9.42
C GLY A 25 -8.63 -6.56 8.81
N CYS A 26 -8.40 -5.29 8.46
CA CYS A 26 -9.44 -4.46 7.86
C CYS A 26 -8.86 -3.58 6.76
N ILE A 27 -9.73 -3.07 5.89
CA ILE A 27 -9.30 -2.21 4.79
C ILE A 27 -9.18 -0.75 5.24
N TYR A 28 -8.03 -0.16 4.96
CA TYR A 28 -7.79 1.23 5.33
C TYR A 28 -7.02 1.97 4.23
N PRO A 29 -7.33 3.26 4.00
CA PRO A 29 -6.65 4.06 2.97
C PRO A 29 -5.14 3.97 3.07
N ALA A 30 -4.48 3.98 1.92
CA ALA A 30 -3.03 3.90 1.86
C ALA A 30 -2.46 4.71 0.70
N THR A 31 -1.14 4.90 0.70
CA THR A 31 -0.47 5.65 -0.34
C THR A 31 0.91 5.07 -0.65
N ILE A 32 1.07 4.56 -1.88
CA ILE A 32 2.34 3.97 -2.30
C ILE A 32 3.46 5.01 -2.27
N ALA A 33 4.35 4.89 -1.28
CA ALA A 33 5.46 5.82 -1.13
C ALA A 33 6.71 5.37 -1.89
N SER A 34 6.96 4.06 -1.92
CA SER A 34 8.13 3.53 -2.62
C SER A 34 7.85 2.14 -3.17
N ILE A 35 8.59 1.76 -4.20
CA ILE A 35 8.41 0.45 -4.83
C ILE A 35 9.75 -0.16 -5.23
N ASP A 36 9.84 -1.48 -5.14
CA ASP A 36 11.07 -2.19 -5.50
C ASP A 36 10.76 -3.31 -6.49
N PHE A 37 10.84 -2.98 -7.78
CA PHE A 37 10.57 -3.95 -8.84
C PHE A 37 11.43 -5.20 -8.69
N LYS A 38 12.54 -5.08 -7.99
CA LYS A 38 13.45 -6.21 -7.79
C LYS A 38 12.70 -7.41 -7.20
N ARG A 39 12.24 -7.27 -5.96
CA ARG A 39 11.52 -8.34 -5.30
C ARG A 39 10.01 -8.15 -5.43
N GLU A 40 9.60 -7.42 -6.47
CA GLU A 40 8.19 -7.16 -6.73
C GLU A 40 7.43 -6.81 -5.45
N THR A 41 7.85 -5.73 -4.80
CA THR A 41 7.22 -5.29 -3.57
C THR A 41 7.04 -3.77 -3.55
N CYS A 42 6.50 -3.25 -2.46
CA CYS A 42 6.27 -1.82 -2.31
C CYS A 42 5.97 -1.46 -0.86
N VAL A 43 5.94 -0.16 -0.58
CA VAL A 43 5.67 0.34 0.76
C VAL A 43 4.45 1.25 0.76
N VAL A 44 3.48 0.97 1.62
CA VAL A 44 2.27 1.77 1.70
C VAL A 44 2.19 2.56 3.00
N VAL A 45 1.68 3.78 2.89
CA VAL A 45 1.54 4.66 4.05
C VAL A 45 0.08 4.72 4.50
N TYR A 46 -0.15 4.50 5.79
CA TYR A 46 -1.51 4.53 6.33
C TYR A 46 -1.98 5.97 6.56
N THR A 47 -2.86 6.44 5.68
CA THR A 47 -3.38 7.80 5.77
C THR A 47 -4.05 8.05 7.12
N GLY A 48 -3.39 8.81 7.97
CA GLY A 48 -3.95 9.11 9.28
C GLY A 48 -3.21 8.42 10.41
N TYR A 49 -2.57 7.30 10.09
CA TYR A 49 -1.82 6.54 11.10
C TYR A 49 -0.33 6.83 11.00
N GLY A 50 0.13 7.16 9.80
CA GLY A 50 1.54 7.45 9.60
C GLY A 50 2.38 6.21 9.40
N ASN A 51 2.01 5.12 10.06
CA ASN A 51 2.74 3.86 9.97
C ASN A 51 2.92 3.43 8.51
N ARG A 52 4.07 2.84 8.22
CA ARG A 52 4.37 2.36 6.86
C ARG A 52 4.75 0.89 6.89
N GLU A 53 4.05 0.09 6.10
CA GLU A 53 4.31 -1.34 6.04
C GLU A 53 4.54 -1.82 4.62
N GLU A 54 5.44 -2.77 4.45
CA GLU A 54 5.76 -3.32 3.13
C GLU A 54 4.73 -4.37 2.72
N GLN A 55 4.21 -4.23 1.50
CA GLN A 55 3.20 -5.16 0.99
C GLN A 55 3.53 -5.55 -0.45
N ASN A 56 2.73 -6.48 -1.00
CA ASN A 56 2.93 -6.95 -2.36
C ASN A 56 2.05 -6.16 -3.33
N LEU A 57 2.63 -5.78 -4.47
CA LEU A 57 1.89 -5.02 -5.48
C LEU A 57 0.65 -5.76 -5.94
N SER A 58 0.76 -7.08 -6.06
CA SER A 58 -0.37 -7.91 -6.49
C SER A 58 -1.46 -7.94 -5.43
N ASP A 59 -1.13 -7.48 -4.23
CA ASP A 59 -2.08 -7.46 -3.13
C ASP A 59 -2.61 -6.04 -2.88
N LEU A 60 -2.27 -5.12 -3.77
CA LEU A 60 -2.70 -3.74 -3.65
C LEU A 60 -4.15 -3.57 -4.11
N LEU A 61 -4.98 -3.02 -3.24
CA LEU A 61 -6.39 -2.81 -3.57
C LEU A 61 -6.61 -1.41 -4.17
N SER A 62 -7.65 -1.30 -5.00
CA SER A 62 -7.97 -0.03 -5.64
C SER A 62 -8.58 0.95 -4.64
N PRO A 63 -8.50 2.27 -4.92
CA PRO A 63 -9.05 3.30 -4.03
C PRO A 63 -10.56 3.22 -3.92
N ILE A 64 -11.14 4.12 -3.14
CA ILE A 64 -12.59 4.15 -2.94
C ILE A 64 -13.18 5.48 -3.40
N GLN A 9 -5.07 2.47 -14.05
CA GLN A 9 -3.73 2.37 -14.63
C GLN A 9 -2.90 1.32 -13.89
N GLN A 10 -1.60 1.34 -14.14
CA GLN A 10 -0.68 0.39 -13.51
C GLN A 10 -0.43 0.79 -12.05
N TRP A 11 0.84 0.84 -11.67
CA TRP A 11 1.22 1.21 -10.30
C TRP A 11 2.51 2.01 -10.30
N LYS A 12 2.45 3.21 -9.72
CA LYS A 12 3.62 4.08 -9.65
C LYS A 12 3.70 4.76 -8.28
N VAL A 13 4.86 5.31 -7.98
CA VAL A 13 5.06 6.00 -6.71
C VAL A 13 4.13 7.19 -6.58
N GLY A 14 3.46 7.29 -5.43
CA GLY A 14 2.54 8.38 -5.20
C GLY A 14 1.18 8.11 -5.81
N ASP A 15 0.42 7.23 -5.18
CA ASP A 15 -0.91 6.87 -5.67
C ASP A 15 -1.80 6.41 -4.52
N LYS A 16 -2.96 7.03 -4.38
CA LYS A 16 -3.91 6.67 -3.32
C LYS A 16 -4.49 5.28 -3.58
N CYS A 17 -4.08 4.32 -2.76
CA CYS A 17 -4.57 2.95 -2.89
C CYS A 17 -5.15 2.44 -1.58
N SER A 18 -5.32 1.13 -1.49
CA SER A 18 -5.88 0.52 -0.28
C SER A 18 -5.03 -0.67 0.15
N ALA A 19 -4.62 -0.68 1.42
CA ALA A 19 -3.80 -1.76 1.95
C ALA A 19 -4.43 -2.37 3.20
N ILE A 20 -4.28 -3.69 3.35
CA ILE A 20 -4.84 -4.39 4.50
C ILE A 20 -3.89 -4.33 5.70
N TRP A 21 -4.47 -4.13 6.88
CA TRP A 21 -3.69 -4.05 8.10
C TRP A 21 -3.45 -5.43 8.69
N SER A 22 -2.22 -5.69 9.13
CA SER A 22 -1.86 -6.98 9.71
C SER A 22 -2.14 -7.01 11.21
N GLU A 23 -3.12 -6.23 11.63
CA GLU A 23 -3.49 -6.16 13.05
C GLU A 23 -4.83 -6.85 13.29
N ASP A 24 -5.82 -6.48 12.49
CA ASP A 24 -7.16 -7.06 12.62
C ASP A 24 -7.67 -7.56 11.27
N GLY A 25 -6.87 -7.33 10.22
CA GLY A 25 -7.25 -7.75 8.89
C GLY A 25 -8.33 -6.87 8.30
N CYS A 26 -8.24 -5.57 8.57
CA CYS A 26 -9.21 -4.61 8.06
C CYS A 26 -8.60 -3.76 6.96
N ILE A 27 -9.44 -3.29 6.04
CA ILE A 27 -8.98 -2.47 4.93
C ILE A 27 -8.90 -1.00 5.33
N TYR A 28 -7.76 -0.38 5.05
CA TYR A 28 -7.56 1.03 5.39
C TYR A 28 -6.84 1.75 4.25
N PRO A 29 -7.13 3.06 4.07
CA PRO A 29 -6.52 3.87 3.01
C PRO A 29 -5.00 3.89 3.11
N ALA A 30 -4.32 3.89 1.97
CA ALA A 30 -2.87 3.90 1.94
C ALA A 30 -2.33 4.74 0.78
N THR A 31 -1.04 5.04 0.82
CA THR A 31 -0.39 5.83 -0.22
C THR A 31 0.97 5.25 -0.58
N ILE A 32 1.13 4.82 -1.82
CA ILE A 32 2.38 4.23 -2.28
C ILE A 32 3.53 5.22 -2.17
N ALA A 33 4.43 4.97 -1.22
CA ALA A 33 5.58 5.84 -0.99
C ALA A 33 6.79 5.41 -1.81
N SER A 34 6.94 4.10 -2.01
CA SER A 34 8.05 3.55 -2.77
C SER A 34 7.75 2.14 -3.25
N ILE A 35 8.39 1.74 -4.36
CA ILE A 35 8.18 0.41 -4.92
C ILE A 35 9.51 -0.21 -5.36
N ASP A 36 9.58 -1.54 -5.30
CA ASP A 36 10.77 -2.26 -5.70
C ASP A 36 10.42 -3.46 -6.58
N PHE A 37 10.45 -3.25 -7.89
CA PHE A 37 10.12 -4.29 -8.86
C PHE A 37 11.01 -5.52 -8.69
N LYS A 38 12.04 -5.40 -7.86
CA LYS A 38 12.96 -6.51 -7.61
C LYS A 38 12.19 -7.78 -7.24
N ARG A 39 11.65 -7.80 -6.03
CA ARG A 39 10.89 -8.95 -5.55
C ARG A 39 9.40 -8.61 -5.45
N GLU A 40 8.92 -7.82 -6.41
CA GLU A 40 7.52 -7.42 -6.44
C GLU A 40 7.04 -6.97 -5.06
N THR A 41 7.61 -5.88 -4.56
CA THR A 41 7.24 -5.36 -3.25
C THR A 41 6.98 -3.86 -3.32
N CYS A 42 6.41 -3.32 -2.24
CA CYS A 42 6.10 -1.89 -2.18
C CYS A 42 5.87 -1.44 -0.73
N VAL A 43 5.84 -0.13 -0.53
CA VAL A 43 5.63 0.44 0.80
C VAL A 43 4.44 1.40 0.78
N VAL A 44 3.42 1.09 1.56
CA VAL A 44 2.23 1.94 1.63
C VAL A 44 2.13 2.66 2.98
N VAL A 45 1.74 3.93 2.94
CA VAL A 45 1.60 4.72 4.15
C VAL A 45 0.14 4.81 4.58
N TYR A 46 -0.11 4.66 5.87
CA TYR A 46 -1.48 4.72 6.40
C TYR A 46 -1.93 6.16 6.58
N THR A 47 -2.76 6.62 5.64
CA THR A 47 -3.27 7.98 5.67
C THR A 47 -4.00 8.28 6.98
N GLY A 48 -3.49 9.26 7.73
CA GLY A 48 -4.11 9.64 8.98
C GLY A 48 -3.67 8.78 10.15
N TYR A 49 -2.62 7.98 9.95
CA TYR A 49 -2.11 7.11 11.00
C TYR A 49 -0.62 7.31 11.21
N GLY A 50 0.06 7.82 10.19
CA GLY A 50 1.49 8.07 10.29
C GLY A 50 2.29 6.79 10.52
N ASN A 51 1.95 5.74 9.77
CA ASN A 51 2.65 4.47 9.89
C ASN A 51 2.94 3.86 8.51
N ARG A 52 4.05 3.15 8.40
CA ARG A 52 4.43 2.53 7.14
C ARG A 52 4.35 1.01 7.23
N GLU A 53 3.79 0.38 6.21
CA GLU A 53 3.65 -1.08 6.18
C GLU A 53 3.99 -1.62 4.80
N GLU A 54 5.00 -2.48 4.73
CA GLU A 54 5.42 -3.07 3.47
C GLU A 54 4.40 -4.09 2.96
N GLN A 55 3.95 -3.91 1.73
CA GLN A 55 2.98 -4.81 1.12
C GLN A 55 3.44 -5.24 -0.27
N ASN A 56 2.72 -6.21 -0.85
CA ASN A 56 3.05 -6.71 -2.18
C ASN A 56 2.16 -6.07 -3.23
N LEU A 57 2.74 -5.81 -4.40
CA LEU A 57 2.01 -5.19 -5.50
C LEU A 57 0.79 -6.02 -5.88
N SER A 58 0.95 -7.34 -5.87
CA SER A 58 -0.15 -8.25 -6.21
C SER A 58 -1.23 -8.24 -5.13
N ASP A 59 -0.89 -7.68 -3.97
CA ASP A 59 -1.82 -7.60 -2.86
C ASP A 59 -2.36 -6.19 -2.68
N LEU A 60 -1.99 -5.30 -3.59
CA LEU A 60 -2.44 -3.91 -3.54
C LEU A 60 -3.89 -3.79 -4.01
N LEU A 61 -4.66 -2.94 -3.34
CA LEU A 61 -6.05 -2.73 -3.69
C LEU A 61 -6.26 -1.34 -4.29
N SER A 62 -7.30 -1.20 -5.11
CA SER A 62 -7.61 0.07 -5.74
C SER A 62 -8.25 1.03 -4.74
N PRO A 63 -8.19 2.36 -5.01
CA PRO A 63 -8.76 3.37 -4.11
C PRO A 63 -10.28 3.29 -4.07
N ILE A 64 -10.80 2.55 -3.09
CA ILE A 64 -12.25 2.39 -2.95
C ILE A 64 -12.80 3.41 -1.94
N GLN A 9 -5.10 2.11 -14.16
CA GLN A 9 -3.96 2.58 -14.96
C GLN A 9 -2.73 1.72 -14.67
N GLN A 10 -2.01 2.06 -13.60
CA GLN A 10 -0.81 1.32 -13.23
C GLN A 10 -0.30 1.78 -11.87
N TRP A 11 0.40 0.89 -11.16
CA TRP A 11 0.94 1.22 -9.85
C TRP A 11 2.27 1.95 -9.98
N LYS A 12 2.34 3.14 -9.40
CA LYS A 12 3.55 3.96 -9.43
C LYS A 12 3.66 4.80 -8.18
N VAL A 13 4.80 5.47 -8.01
CA VAL A 13 5.02 6.33 -6.84
C VAL A 13 4.01 7.46 -6.81
N GLY A 14 3.38 7.66 -5.66
CA GLY A 14 2.40 8.71 -5.52
C GLY A 14 1.05 8.31 -6.09
N ASP A 15 0.37 7.39 -5.41
CA ASP A 15 -0.93 6.92 -5.86
C ASP A 15 -1.77 6.43 -4.67
N LYS A 16 -2.93 7.03 -4.47
CA LYS A 16 -3.82 6.66 -3.39
C LYS A 16 -4.33 5.24 -3.57
N CYS A 17 -3.80 4.32 -2.78
CA CYS A 17 -4.21 2.92 -2.86
C CYS A 17 -4.75 2.43 -1.51
N SER A 18 -4.96 1.14 -1.40
CA SER A 18 -5.47 0.54 -0.17
C SER A 18 -4.74 -0.75 0.16
N ALA A 19 -4.48 -0.98 1.44
CA ALA A 19 -3.77 -2.18 1.87
C ALA A 19 -4.38 -2.75 3.15
N ILE A 20 -4.29 -4.07 3.31
CA ILE A 20 -4.83 -4.74 4.48
C ILE A 20 -3.86 -4.66 5.64
N TRP A 21 -4.39 -4.44 6.84
CA TRP A 21 -3.58 -4.35 8.04
C TRP A 21 -3.48 -5.70 8.74
N SER A 22 -2.40 -5.90 9.49
CA SER A 22 -2.20 -7.15 10.22
C SER A 22 -2.55 -6.99 11.69
N GLU A 23 -3.22 -5.89 12.02
CA GLU A 23 -3.62 -5.62 13.39
C GLU A 23 -5.05 -6.08 13.65
N ASP A 24 -5.89 -5.96 12.64
CA ASP A 24 -7.29 -6.37 12.75
C ASP A 24 -7.76 -7.07 11.48
N GLY A 25 -6.91 -7.06 10.46
CA GLY A 25 -7.26 -7.70 9.21
C GLY A 25 -8.37 -6.99 8.47
N CYS A 26 -8.12 -5.74 8.08
CA CYS A 26 -9.10 -4.94 7.37
C CYS A 26 -8.42 -4.02 6.37
N ILE A 27 -9.19 -3.50 5.42
CA ILE A 27 -8.67 -2.60 4.41
C ILE A 27 -8.72 -1.15 4.87
N TYR A 28 -7.61 -0.43 4.69
CA TYR A 28 -7.53 0.97 5.11
C TYR A 28 -6.80 1.80 4.05
N PRO A 29 -7.10 3.11 3.98
CA PRO A 29 -6.46 4.02 3.01
C PRO A 29 -4.95 4.02 3.15
N ALA A 30 -4.27 4.13 2.01
CA ALA A 30 -2.80 4.14 1.98
C ALA A 30 -2.27 4.95 0.81
N THR A 31 -0.98 5.24 0.83
CA THR A 31 -0.35 6.00 -0.24
C THR A 31 0.99 5.39 -0.65
N ILE A 32 1.11 5.03 -1.92
CA ILE A 32 2.33 4.43 -2.44
C ILE A 32 3.50 5.41 -2.37
N ALA A 33 4.38 5.19 -1.41
CA ALA A 33 5.55 6.06 -1.23
C ALA A 33 6.74 5.57 -2.04
N SER A 34 6.93 4.26 -2.10
CA SER A 34 8.04 3.68 -2.83
C SER A 34 7.69 2.28 -3.33
N ILE A 35 8.22 1.91 -4.48
CA ILE A 35 7.96 0.60 -5.07
C ILE A 35 9.25 -0.05 -5.54
N ASP A 36 9.31 -1.38 -5.41
CA ASP A 36 10.47 -2.14 -5.83
C ASP A 36 10.05 -3.28 -6.76
N PHE A 37 10.79 -3.46 -7.85
CA PHE A 37 10.47 -4.51 -8.81
C PHE A 37 11.35 -5.73 -8.61
N LYS A 38 12.17 -5.69 -7.56
CA LYS A 38 13.07 -6.80 -7.26
C LYS A 38 12.27 -8.02 -6.79
N ARG A 39 11.73 -7.94 -5.58
CA ARG A 39 10.95 -9.03 -5.02
C ARG A 39 9.46 -8.69 -5.08
N GLU A 40 9.09 -7.83 -6.01
CA GLU A 40 7.70 -7.42 -6.19
C GLU A 40 7.08 -6.99 -4.87
N THR A 41 7.52 -5.84 -4.36
CA THR A 41 7.00 -5.31 -3.11
C THR A 41 6.83 -3.80 -3.18
N CYS A 42 6.29 -3.22 -2.10
CA CYS A 42 6.07 -1.78 -2.04
C CYS A 42 5.84 -1.32 -0.61
N VAL A 43 5.84 -0.01 -0.40
CA VAL A 43 5.63 0.56 0.93
C VAL A 43 4.48 1.56 0.91
N VAL A 44 3.41 1.22 1.63
CA VAL A 44 2.24 2.10 1.70
C VAL A 44 2.16 2.80 3.05
N VAL A 45 1.69 4.05 3.03
CA VAL A 45 1.55 4.83 4.24
C VAL A 45 0.08 4.98 4.62
N TYR A 46 -0.27 4.61 5.84
CA TYR A 46 -1.66 4.70 6.29
C TYR A 46 -2.06 6.15 6.52
N THR A 47 -2.98 6.62 5.69
CA THR A 47 -3.47 8.00 5.76
C THR A 47 -4.17 8.26 7.10
N GLY A 48 -3.44 8.88 8.03
CA GLY A 48 -4.01 9.19 9.33
C GLY A 48 -3.35 8.44 10.47
N TYR A 49 -2.46 7.51 10.14
CA TYR A 49 -1.78 6.72 11.16
C TYR A 49 -0.29 7.08 11.23
N GLY A 50 0.24 7.61 10.13
CA GLY A 50 1.64 7.99 10.07
C GLY A 50 2.57 6.80 10.22
N ASN A 51 2.15 5.64 9.70
CA ASN A 51 2.95 4.43 9.78
C ASN A 51 3.17 3.85 8.39
N ARG A 52 4.26 3.10 8.22
CA ARG A 52 4.59 2.49 6.93
C ARG A 52 4.63 0.97 7.03
N GLU A 53 3.86 0.31 6.18
CA GLU A 53 3.81 -1.14 6.16
C GLU A 53 4.08 -1.68 4.75
N GLU A 54 4.96 -2.66 4.65
CA GLU A 54 5.31 -3.24 3.35
C GLU A 54 4.23 -4.21 2.87
N GLN A 55 3.77 -4.02 1.65
CA GLN A 55 2.74 -4.88 1.07
C GLN A 55 3.16 -5.34 -0.34
N ASN A 56 2.43 -6.31 -0.86
CA ASN A 56 2.72 -6.84 -2.20
C ASN A 56 1.94 -6.09 -3.27
N LEU A 57 2.64 -5.72 -4.35
CA LEU A 57 2.02 -4.99 -5.45
C LEU A 57 0.83 -5.77 -6.01
N SER A 58 1.04 -7.06 -6.26
CA SER A 58 -0.01 -7.91 -6.79
C SER A 58 -1.16 -8.06 -5.80
N ASP A 59 -0.90 -7.69 -4.56
CA ASP A 59 -1.91 -7.78 -3.50
C ASP A 59 -2.49 -6.41 -3.17
N LEU A 60 -2.04 -5.39 -3.90
CA LEU A 60 -2.52 -4.02 -3.68
C LEU A 60 -3.99 -3.90 -4.06
N LEU A 61 -4.71 -3.04 -3.34
CA LEU A 61 -6.12 -2.83 -3.61
C LEU A 61 -6.38 -1.41 -4.12
N SER A 62 -7.37 -1.26 -4.98
CA SER A 62 -7.71 0.05 -5.53
C SER A 62 -8.33 0.95 -4.46
N PRO A 63 -8.29 2.28 -4.67
CA PRO A 63 -8.84 3.24 -3.71
C PRO A 63 -10.32 2.99 -3.41
N ILE A 64 -11.19 3.41 -4.32
CA ILE A 64 -12.63 3.24 -4.15
C ILE A 64 -13.14 2.06 -4.98
N GLN A 9 -3.81 0.50 -13.56
CA GLN A 9 -3.19 -0.82 -13.48
C GLN A 9 -1.71 -0.71 -13.14
N GLN A 10 -1.05 0.28 -13.72
CA GLN A 10 0.38 0.50 -13.48
C GLN A 10 0.59 1.31 -12.21
N TRP A 11 1.19 0.66 -11.20
CA TRP A 11 1.46 1.31 -9.93
C TRP A 11 2.70 2.20 -10.02
N LYS A 12 2.60 3.41 -9.47
CA LYS A 12 3.72 4.36 -9.50
C LYS A 12 3.86 5.04 -8.14
N VAL A 13 4.98 5.74 -7.97
CA VAL A 13 5.24 6.46 -6.72
C VAL A 13 4.24 7.60 -6.53
N GLY A 14 3.50 7.53 -5.43
CA GLY A 14 2.51 8.55 -5.14
C GLY A 14 1.17 8.24 -5.77
N ASP A 15 0.41 7.34 -5.14
CA ASP A 15 -0.91 6.97 -5.65
C ASP A 15 -1.79 6.46 -4.52
N LYS A 16 -2.98 7.05 -4.40
CA LYS A 16 -3.93 6.66 -3.36
C LYS A 16 -4.51 5.27 -3.63
N CYS A 17 -4.15 4.32 -2.79
CA CYS A 17 -4.63 2.95 -2.93
C CYS A 17 -5.21 2.43 -1.60
N SER A 18 -5.35 1.11 -1.49
CA SER A 18 -5.89 0.50 -0.29
C SER A 18 -5.11 -0.75 0.09
N ALA A 19 -4.90 -0.95 1.39
CA ALA A 19 -4.17 -2.12 1.87
C ALA A 19 -4.79 -2.65 3.16
N ILE A 20 -4.67 -3.96 3.36
CA ILE A 20 -5.22 -4.60 4.56
C ILE A 20 -4.28 -4.43 5.75
N TRP A 21 -4.86 -4.24 6.93
CA TRP A 21 -4.06 -4.06 8.14
C TRP A 21 -3.80 -5.39 8.83
N SER A 22 -2.56 -5.60 9.25
CA SER A 22 -2.17 -6.84 9.92
C SER A 22 -2.34 -6.71 11.43
N GLU A 23 -3.14 -5.73 11.85
CA GLU A 23 -3.40 -5.50 13.27
C GLU A 23 -4.86 -5.72 13.59
N ASP A 24 -5.75 -5.21 12.73
CA ASP A 24 -7.18 -5.36 12.93
C ASP A 24 -7.79 -6.27 11.87
N GLY A 25 -7.12 -6.37 10.73
CA GLY A 25 -7.60 -7.21 9.64
C GLY A 25 -8.73 -6.53 8.86
N CYS A 26 -8.52 -5.28 8.49
CA CYS A 26 -9.51 -4.52 7.73
C CYS A 26 -8.84 -3.62 6.70
N ILE A 27 -9.61 -3.22 5.69
CA ILE A 27 -9.09 -2.36 4.64
C ILE A 27 -9.03 -0.90 5.09
N TYR A 28 -7.90 -0.25 4.85
CA TYR A 28 -7.73 1.14 5.23
C TYR A 28 -6.98 1.91 4.14
N PRO A 29 -7.20 3.24 4.06
CA PRO A 29 -6.54 4.09 3.06
C PRO A 29 -5.02 4.02 3.15
N ALA A 30 -4.38 3.81 2.00
CA ALA A 30 -2.92 3.73 1.95
C ALA A 30 -2.37 4.51 0.77
N THR A 31 -1.07 4.79 0.80
CA THR A 31 -0.43 5.53 -0.28
C THR A 31 0.93 4.92 -0.64
N ILE A 32 1.14 4.70 -1.94
CA ILE A 32 2.38 4.11 -2.42
C ILE A 32 3.54 5.12 -2.31
N ALA A 33 4.47 4.81 -1.41
CA ALA A 33 5.62 5.68 -1.19
C ALA A 33 6.83 5.23 -2.03
N SER A 34 7.05 3.92 -2.10
CA SER A 34 8.18 3.38 -2.85
C SER A 34 7.82 2.03 -3.48
N ILE A 35 8.35 1.77 -4.67
CA ILE A 35 8.10 0.52 -5.37
C ILE A 35 9.39 -0.08 -5.91
N ASP A 36 9.45 -1.41 -5.91
CA ASP A 36 10.62 -2.12 -6.41
C ASP A 36 10.19 -3.21 -7.39
N PHE A 37 10.85 -3.26 -8.54
CA PHE A 37 10.54 -4.25 -9.56
C PHE A 37 11.50 -5.42 -9.52
N LYS A 38 12.29 -5.50 -8.44
CA LYS A 38 13.25 -6.57 -8.28
C LYS A 38 12.61 -7.77 -7.59
N ARG A 39 12.07 -7.54 -6.40
CA ARG A 39 11.41 -8.60 -5.63
C ARG A 39 9.91 -8.33 -5.52
N GLU A 40 9.39 -7.54 -6.45
CA GLU A 40 7.98 -7.20 -6.48
C GLU A 40 7.50 -6.77 -5.09
N THR A 41 7.97 -5.61 -4.63
CA THR A 41 7.59 -5.10 -3.33
C THR A 41 7.21 -3.62 -3.41
N CYS A 42 6.56 -3.12 -2.37
CA CYS A 42 6.15 -1.72 -2.31
C CYS A 42 5.75 -1.31 -0.90
N VAL A 43 6.21 -0.15 -0.47
CA VAL A 43 5.89 0.37 0.86
C VAL A 43 4.68 1.29 0.81
N VAL A 44 3.73 1.07 1.71
CA VAL A 44 2.51 1.87 1.77
C VAL A 44 2.42 2.64 3.08
N VAL A 45 1.80 3.82 3.01
CA VAL A 45 1.62 4.66 4.19
C VAL A 45 0.16 4.66 4.62
N TYR A 46 -0.07 4.52 5.92
CA TYR A 46 -1.42 4.49 6.45
C TYR A 46 -1.93 5.90 6.72
N THR A 47 -2.65 6.44 5.74
CA THR A 47 -3.20 7.80 5.84
C THR A 47 -4.03 7.97 7.11
N GLY A 48 -3.61 8.88 7.98
CA GLY A 48 -4.32 9.12 9.21
C GLY A 48 -3.93 8.17 10.33
N TYR A 49 -2.80 7.50 10.16
CA TYR A 49 -2.33 6.55 11.17
C TYR A 49 -0.85 6.76 11.45
N GLY A 50 -0.14 7.37 10.50
CA GLY A 50 1.28 7.62 10.68
C GLY A 50 2.08 6.33 10.87
N ASN A 51 1.76 5.32 10.07
CA ASN A 51 2.45 4.03 10.15
C ASN A 51 2.78 3.52 8.75
N ARG A 52 3.92 2.87 8.61
CA ARG A 52 4.34 2.33 7.32
C ARG A 52 4.50 0.82 7.37
N GLU A 53 4.04 0.14 6.33
CA GLU A 53 4.13 -1.31 6.24
C GLU A 53 4.48 -1.76 4.82
N GLU A 54 5.36 -2.74 4.71
CA GLU A 54 5.77 -3.25 3.40
C GLU A 54 4.80 -4.33 2.91
N GLN A 55 4.27 -4.13 1.71
CA GLN A 55 3.34 -5.08 1.12
C GLN A 55 3.75 -5.41 -0.32
N ASN A 56 3.05 -6.37 -0.91
CA ASN A 56 3.34 -6.78 -2.29
C ASN A 56 2.30 -6.22 -3.25
N LEU A 57 2.72 -6.00 -4.50
CA LEU A 57 1.83 -5.47 -5.53
C LEU A 57 0.60 -6.35 -5.71
N SER A 58 0.78 -7.66 -5.53
CA SER A 58 -0.31 -8.62 -5.69
C SER A 58 -1.35 -8.46 -4.58
N ASP A 59 -1.01 -7.69 -3.55
CA ASP A 59 -1.92 -7.47 -2.43
C ASP A 59 -2.40 -6.03 -2.39
N LEU A 60 -2.19 -5.30 -3.48
CA LEU A 60 -2.63 -3.90 -3.56
C LEU A 60 -4.04 -3.80 -4.11
N LEU A 61 -4.88 -3.01 -3.43
CA LEU A 61 -6.27 -2.82 -3.85
C LEU A 61 -6.48 -1.43 -4.44
N SER A 62 -7.48 -1.30 -5.30
CA SER A 62 -7.80 -0.02 -5.92
C SER A 62 -8.47 0.91 -4.92
N PRO A 63 -8.36 2.24 -5.13
CA PRO A 63 -8.97 3.24 -4.25
C PRO A 63 -10.49 3.18 -4.27
N ILE A 64 -11.12 4.02 -3.45
CA ILE A 64 -12.57 4.09 -3.36
C ILE A 64 -13.17 2.72 -3.04
N GLN A 9 -4.89 -1.63 -11.55
CA GLN A 9 -3.71 -1.77 -12.40
C GLN A 9 -2.87 -0.49 -12.38
N GLN A 10 -1.62 -0.60 -12.82
CA GLN A 10 -0.71 0.55 -12.85
C GLN A 10 -0.40 1.05 -11.43
N TRP A 11 0.88 1.09 -11.09
CA TRP A 11 1.31 1.55 -9.77
C TRP A 11 2.62 2.31 -9.86
N LYS A 12 2.61 3.55 -9.35
CA LYS A 12 3.81 4.38 -9.37
C LYS A 12 4.01 5.07 -8.02
N VAL A 13 5.19 5.64 -7.81
CA VAL A 13 5.51 6.32 -6.56
C VAL A 13 4.57 7.50 -6.35
N GLY A 14 3.71 7.38 -5.34
CA GLY A 14 2.78 8.45 -5.03
C GLY A 14 1.40 8.18 -5.63
N ASP A 15 0.60 7.39 -4.92
CA ASP A 15 -0.74 7.06 -5.40
C ASP A 15 -1.63 6.59 -4.24
N LYS A 16 -2.88 7.04 -4.25
CA LYS A 16 -3.83 6.66 -3.21
C LYS A 16 -4.50 5.33 -3.54
N CYS A 17 -4.28 4.34 -2.69
CA CYS A 17 -4.87 3.02 -2.88
C CYS A 17 -5.40 2.46 -1.56
N SER A 18 -5.50 1.14 -1.48
CA SER A 18 -6.00 0.49 -0.28
C SER A 18 -5.16 -0.74 0.06
N ALA A 19 -4.85 -0.91 1.34
CA ALA A 19 -4.04 -2.06 1.78
C ALA A 19 -4.63 -2.70 3.03
N ILE A 20 -4.35 -3.98 3.22
CA ILE A 20 -4.83 -4.72 4.37
C ILE A 20 -3.86 -4.63 5.54
N TRP A 21 -4.38 -4.33 6.72
CA TRP A 21 -3.55 -4.22 7.92
C TRP A 21 -3.42 -5.57 8.63
N SER A 22 -2.18 -6.02 8.80
CA SER A 22 -1.92 -7.28 9.47
C SER A 22 -2.09 -7.16 10.98
N GLU A 23 -2.17 -5.92 11.46
CA GLU A 23 -2.34 -5.66 12.89
C GLU A 23 -3.75 -6.00 13.34
N ASP A 24 -4.73 -5.71 12.49
CA ASP A 24 -6.13 -6.00 12.80
C ASP A 24 -6.71 -7.00 11.82
N GLY A 25 -7.02 -6.53 10.61
CA GLY A 25 -7.59 -7.40 9.60
C GLY A 25 -8.65 -6.71 8.78
N CYS A 26 -8.39 -5.47 8.38
CA CYS A 26 -9.34 -4.70 7.59
C CYS A 26 -8.61 -3.83 6.57
N ILE A 27 -9.38 -3.29 5.62
CA ILE A 27 -8.82 -2.43 4.58
C ILE A 27 -8.84 -0.96 5.01
N TYR A 28 -7.69 -0.29 4.86
CA TYR A 28 -7.57 1.11 5.24
C TYR A 28 -6.81 1.90 4.16
N PRO A 29 -7.05 3.22 4.07
CA PRO A 29 -6.38 4.07 3.08
C PRO A 29 -4.86 4.01 3.20
N ALA A 30 -4.19 3.95 2.06
CA ALA A 30 -2.73 3.89 2.03
C ALA A 30 -2.17 4.67 0.86
N THR A 31 -0.88 4.98 0.92
CA THR A 31 -0.21 5.72 -0.15
C THR A 31 1.14 5.09 -0.48
N ILE A 32 1.25 4.56 -1.70
CA ILE A 32 2.48 3.91 -2.15
C ILE A 32 3.64 4.90 -2.15
N ALA A 33 4.53 4.76 -1.18
CA ALA A 33 5.69 5.64 -1.05
C ALA A 33 6.89 5.12 -1.83
N SER A 34 7.03 3.80 -1.90
CA SER A 34 8.14 3.19 -2.63
C SER A 34 7.72 1.89 -3.29
N ILE A 35 8.37 1.58 -4.42
CA ILE A 35 8.07 0.35 -5.15
C ILE A 35 9.34 -0.34 -5.59
N ASP A 36 9.32 -1.66 -5.61
CA ASP A 36 10.48 -2.44 -6.02
C ASP A 36 10.07 -3.53 -7.00
N PHE A 37 10.25 -3.25 -8.30
CA PHE A 37 9.90 -4.19 -9.35
C PHE A 37 10.85 -5.38 -9.38
N LYS A 38 11.63 -5.56 -8.32
CA LYS A 38 12.58 -6.67 -8.25
C LYS A 38 12.01 -7.80 -7.40
N ARG A 39 11.73 -7.50 -6.13
CA ARG A 39 11.17 -8.50 -5.21
C ARG A 39 9.65 -8.35 -5.12
N GLU A 40 9.05 -7.85 -6.20
CA GLU A 40 7.61 -7.65 -6.28
C GLU A 40 7.05 -7.15 -4.95
N THR A 41 7.57 -6.03 -4.46
CA THR A 41 7.11 -5.46 -3.20
C THR A 41 7.00 -3.94 -3.28
N CYS A 42 6.37 -3.34 -2.28
CA CYS A 42 6.18 -1.90 -2.24
C CYS A 42 5.75 -1.44 -0.85
N VAL A 43 6.30 -0.31 -0.41
CA VAL A 43 5.97 0.24 0.90
C VAL A 43 4.78 1.20 0.80
N VAL A 44 3.92 1.17 1.81
CA VAL A 44 2.74 2.04 1.82
C VAL A 44 2.63 2.80 3.13
N VAL A 45 2.02 3.98 3.07
CA VAL A 45 1.83 4.82 4.24
C VAL A 45 0.35 4.95 4.59
N TYR A 46 0.03 4.79 5.86
CA TYR A 46 -1.36 4.88 6.31
C TYR A 46 -1.79 6.33 6.49
N THR A 47 -2.65 6.79 5.58
CA THR A 47 -3.15 8.16 5.60
C THR A 47 -3.81 8.51 6.93
N GLY A 48 -4.93 7.87 7.22
CA GLY A 48 -5.66 8.14 8.45
C GLY A 48 -4.87 7.81 9.70
N TYR A 49 -3.70 7.19 9.53
CA TYR A 49 -2.88 6.83 10.68
C TYR A 49 -1.55 7.59 10.66
N GLY A 50 -0.52 6.96 10.11
CA GLY A 50 0.80 7.58 10.04
C GLY A 50 1.91 6.56 10.09
N ASN A 51 1.54 5.29 10.05
CA ASN A 51 2.50 4.20 10.09
C ASN A 51 2.95 3.83 8.69
N ARG A 52 4.13 3.22 8.58
CA ARG A 52 4.67 2.81 7.29
C ARG A 52 5.07 1.34 7.32
N GLU A 53 4.40 0.53 6.50
CA GLU A 53 4.69 -0.90 6.46
C GLU A 53 4.85 -1.39 5.03
N GLU A 54 5.53 -2.52 4.86
CA GLU A 54 5.74 -3.10 3.54
C GLU A 54 4.63 -4.06 3.17
N GLN A 55 4.18 -4.00 1.92
CA GLN A 55 3.11 -4.86 1.44
C GLN A 55 3.41 -5.38 0.04
N ASN A 56 2.57 -6.29 -0.45
CA ASN A 56 2.75 -6.86 -1.78
C ASN A 56 1.89 -6.13 -2.80
N LEU A 57 2.46 -5.85 -3.96
CA LEU A 57 1.75 -5.16 -5.03
C LEU A 57 0.53 -5.96 -5.47
N SER A 58 0.66 -7.28 -5.50
CA SER A 58 -0.43 -8.16 -5.91
C SER A 58 -1.56 -8.13 -4.90
N ASP A 59 -1.29 -7.59 -3.72
CA ASP A 59 -2.28 -7.49 -2.67
C ASP A 59 -2.82 -6.07 -2.54
N LEU A 60 -2.42 -5.22 -3.48
CA LEU A 60 -2.85 -3.82 -3.48
C LEU A 60 -4.27 -3.70 -4.04
N LEU A 61 -5.06 -2.81 -3.43
CA LEU A 61 -6.44 -2.59 -3.86
C LEU A 61 -6.57 -1.23 -4.54
N SER A 62 -7.54 -1.13 -5.45
CA SER A 62 -7.77 0.11 -6.17
C SER A 62 -8.55 1.11 -5.31
N PRO A 63 -8.33 2.43 -5.52
CA PRO A 63 -9.02 3.47 -4.77
C PRO A 63 -10.46 3.66 -5.22
N ILE A 64 -11.36 3.80 -4.25
CA ILE A 64 -12.77 3.99 -4.54
C ILE A 64 -13.44 4.89 -3.51
N GLN A 9 -5.27 1.12 -12.33
CA GLN A 9 -4.76 -0.23 -12.11
C GLN A 9 -3.24 -0.23 -11.95
N GLN A 10 -2.57 0.63 -12.72
CA GLN A 10 -1.12 0.73 -12.67
C GLN A 10 -0.65 1.09 -11.26
N TRP A 11 0.63 0.84 -10.99
CA TRP A 11 1.21 1.13 -9.68
C TRP A 11 2.54 1.87 -9.82
N LYS A 12 2.57 3.12 -9.37
CA LYS A 12 3.77 3.93 -9.43
C LYS A 12 3.94 4.74 -8.14
N VAL A 13 5.15 5.26 -7.92
CA VAL A 13 5.42 6.05 -6.73
C VAL A 13 4.49 7.25 -6.65
N GLY A 14 3.59 7.22 -5.69
CA GLY A 14 2.64 8.30 -5.51
C GLY A 14 1.29 7.98 -6.14
N ASP A 15 0.51 7.16 -5.46
CA ASP A 15 -0.80 6.76 -5.95
C ASP A 15 -1.73 6.38 -4.80
N LYS A 16 -2.90 7.00 -4.75
CA LYS A 16 -3.86 6.71 -3.70
C LYS A 16 -4.50 5.34 -3.88
N CYS A 17 -4.17 4.42 -2.98
CA CYS A 17 -4.70 3.07 -3.03
C CYS A 17 -5.13 2.60 -1.64
N SER A 18 -5.14 1.28 -1.44
CA SER A 18 -5.52 0.71 -0.16
C SER A 18 -4.64 -0.50 0.18
N ALA A 19 -4.45 -0.75 1.47
CA ALA A 19 -3.63 -1.87 1.91
C ALA A 19 -4.25 -2.58 3.11
N ILE A 20 -3.90 -3.84 3.30
CA ILE A 20 -4.42 -4.62 4.41
C ILE A 20 -3.49 -4.58 5.61
N TRP A 21 -4.05 -4.32 6.78
CA TRP A 21 -3.29 -4.25 8.02
C TRP A 21 -3.21 -5.62 8.69
N SER A 22 -2.08 -5.90 9.35
CA SER A 22 -1.89 -7.18 10.03
C SER A 22 -2.20 -7.06 11.51
N GLU A 23 -3.22 -6.27 11.84
CA GLU A 23 -3.64 -6.07 13.22
C GLU A 23 -4.99 -6.71 13.48
N ASP A 24 -5.86 -6.69 12.48
CA ASP A 24 -7.19 -7.28 12.60
C ASP A 24 -7.69 -7.79 11.24
N GLY A 25 -6.85 -7.62 10.22
CA GLY A 25 -7.22 -8.07 8.89
C GLY A 25 -8.24 -7.16 8.23
N CYS A 26 -8.07 -5.86 8.40
CA CYS A 26 -8.98 -4.88 7.82
C CYS A 26 -8.27 -4.01 6.81
N ILE A 27 -9.02 -3.46 5.86
CA ILE A 27 -8.45 -2.61 4.82
C ILE A 27 -8.59 -1.13 5.18
N TYR A 28 -7.51 -0.38 5.00
CA TYR A 28 -7.49 1.04 5.30
C TYR A 28 -6.80 1.82 4.18
N PRO A 29 -7.19 3.10 3.97
CA PRO A 29 -6.59 3.94 2.93
C PRO A 29 -5.07 4.02 3.06
N ALA A 30 -4.38 3.95 1.92
CA ALA A 30 -2.93 4.02 1.91
C ALA A 30 -2.41 4.63 0.62
N THR A 31 -1.10 4.90 0.57
CA THR A 31 -0.48 5.49 -0.60
C THR A 31 0.88 4.86 -0.87
N ILE A 32 1.19 4.65 -2.16
CA ILE A 32 2.46 4.06 -2.55
C ILE A 32 3.61 5.05 -2.44
N ALA A 33 4.44 4.88 -1.41
CA ALA A 33 5.58 5.76 -1.18
C ALA A 33 6.82 5.28 -1.91
N SER A 34 6.97 3.97 -2.03
CA SER A 34 8.13 3.39 -2.70
C SER A 34 7.80 2.03 -3.30
N ILE A 35 8.58 1.64 -4.31
CA ILE A 35 8.37 0.35 -4.98
C ILE A 35 9.72 -0.30 -5.29
N ASP A 36 9.74 -1.64 -5.27
CA ASP A 36 10.95 -2.38 -5.55
C ASP A 36 10.67 -3.54 -6.50
N PHE A 37 10.88 -3.31 -7.79
CA PHE A 37 10.65 -4.33 -8.81
C PHE A 37 11.45 -5.61 -8.53
N LYS A 38 12.37 -5.53 -7.57
CA LYS A 38 13.20 -6.68 -7.21
C LYS A 38 12.33 -7.91 -6.93
N ARG A 39 11.69 -7.91 -5.76
CA ARG A 39 10.84 -9.03 -5.37
C ARG A 39 9.37 -8.65 -5.47
N GLU A 40 9.05 -7.80 -6.45
CA GLU A 40 7.68 -7.34 -6.67
C GLU A 40 7.03 -6.92 -5.36
N THR A 41 7.56 -5.87 -4.74
CA THR A 41 7.02 -5.38 -3.48
C THR A 41 6.94 -3.86 -3.47
N CYS A 42 6.44 -3.30 -2.37
CA CYS A 42 6.31 -1.85 -2.25
C CYS A 42 5.99 -1.46 -0.80
N VAL A 43 6.02 -0.16 -0.54
CA VAL A 43 5.73 0.37 0.80
C VAL A 43 4.58 1.36 0.76
N VAL A 44 3.54 1.10 1.53
CA VAL A 44 2.37 1.97 1.58
C VAL A 44 2.24 2.66 2.93
N VAL A 45 1.82 3.92 2.91
CA VAL A 45 1.63 4.70 4.14
C VAL A 45 0.15 4.80 4.49
N TYR A 46 -0.16 4.66 5.78
CA TYR A 46 -1.54 4.73 6.25
C TYR A 46 -2.00 6.18 6.37
N THR A 47 -2.75 6.64 5.38
CA THR A 47 -3.27 8.00 5.36
C THR A 47 -4.18 8.26 6.56
N GLY A 48 -3.68 9.04 7.51
CA GLY A 48 -4.46 9.37 8.69
C GLY A 48 -3.98 8.65 9.94
N TYR A 49 -2.97 7.81 9.79
CA TYR A 49 -2.44 7.06 10.92
C TYR A 49 -0.96 7.37 11.13
N GLY A 50 -0.30 7.85 10.09
CA GLY A 50 1.11 8.19 10.18
C GLY A 50 1.98 6.97 10.44
N ASN A 51 1.67 5.86 9.77
CA ASN A 51 2.43 4.63 9.92
C ASN A 51 2.81 4.05 8.56
N ARG A 52 3.93 3.33 8.53
CA ARG A 52 4.40 2.73 7.28
C ARG A 52 4.28 1.20 7.35
N GLU A 53 3.87 0.60 6.23
CA GLU A 53 3.72 -0.85 6.16
C GLU A 53 4.03 -1.37 4.77
N GLU A 54 4.87 -2.41 4.71
CA GLU A 54 5.26 -3.00 3.43
C GLU A 54 4.21 -4.00 2.96
N GLN A 55 3.87 -3.94 1.68
CA GLN A 55 2.87 -4.84 1.10
C GLN A 55 3.26 -5.24 -0.31
N ASN A 56 2.44 -6.12 -0.92
CA ASN A 56 2.70 -6.58 -2.28
C ASN A 56 1.82 -5.84 -3.28
N LEU A 57 2.40 -5.53 -4.44
CA LEU A 57 1.67 -4.81 -5.49
C LEU A 57 0.41 -5.58 -5.90
N SER A 58 0.57 -6.88 -6.11
CA SER A 58 -0.55 -7.73 -6.52
C SER A 58 -1.58 -7.84 -5.40
N ASP A 59 -1.17 -7.45 -4.19
CA ASP A 59 -2.05 -7.50 -3.03
C ASP A 59 -2.69 -6.14 -2.77
N LEU A 60 -2.15 -5.10 -3.40
CA LEU A 60 -2.68 -3.75 -3.23
C LEU A 60 -4.10 -3.65 -3.77
N LEU A 61 -4.89 -2.78 -3.14
CA LEU A 61 -6.28 -2.58 -3.55
C LEU A 61 -6.50 -1.13 -3.98
N SER A 62 -7.69 -0.85 -4.50
CA SER A 62 -8.04 0.49 -4.94
C SER A 62 -8.58 1.33 -3.79
N PRO A 63 -8.45 2.67 -3.88
CA PRO A 63 -8.93 3.58 -2.84
C PRO A 63 -10.44 3.49 -2.64
N ILE A 64 -10.85 3.25 -1.39
CA ILE A 64 -12.25 3.12 -1.06
C ILE A 64 -12.75 4.35 -0.30
N GLN A 9 -4.73 1.52 -13.50
CA GLN A 9 -3.40 1.90 -13.96
C GLN A 9 -2.31 1.24 -13.13
N GLN A 10 -1.12 1.14 -13.71
CA GLN A 10 0.02 0.51 -13.03
C GLN A 10 0.30 1.19 -11.68
N TRP A 11 0.70 0.38 -10.70
CA TRP A 11 1.00 0.89 -9.37
C TRP A 11 2.28 1.72 -9.37
N LYS A 12 2.14 3.01 -9.69
CA LYS A 12 3.28 3.91 -9.73
C LYS A 12 3.37 4.72 -8.43
N VAL A 13 4.55 5.25 -8.15
CA VAL A 13 4.77 6.06 -6.94
C VAL A 13 3.80 7.23 -6.90
N GLY A 14 3.32 7.55 -5.71
CA GLY A 14 2.37 8.64 -5.56
C GLY A 14 0.99 8.27 -6.07
N ASP A 15 0.33 7.36 -5.37
CA ASP A 15 -0.99 6.91 -5.75
C ASP A 15 -1.80 6.51 -4.53
N LYS A 16 -3.02 7.05 -4.42
CA LYS A 16 -3.90 6.73 -3.30
C LYS A 16 -4.60 5.39 -3.51
N CYS A 17 -4.19 4.40 -2.73
CA CYS A 17 -4.78 3.07 -2.84
C CYS A 17 -5.28 2.58 -1.48
N SER A 18 -5.55 1.28 -1.38
CA SER A 18 -6.04 0.70 -0.14
C SER A 18 -5.18 -0.50 0.26
N ALA A 19 -4.59 -0.42 1.45
CA ALA A 19 -3.74 -1.49 1.94
C ALA A 19 -4.35 -2.17 3.15
N ILE A 20 -4.24 -3.49 3.21
CA ILE A 20 -4.79 -4.27 4.31
C ILE A 20 -3.79 -4.35 5.46
N TRP A 21 -4.27 -4.18 6.68
CA TRP A 21 -3.42 -4.24 7.86
C TRP A 21 -3.24 -5.68 8.33
N SER A 22 -2.00 -6.04 8.65
CA SER A 22 -1.70 -7.39 9.11
C SER A 22 -1.96 -7.53 10.61
N GLU A 23 -2.90 -6.73 11.11
CA GLU A 23 -3.25 -6.76 12.53
C GLU A 23 -4.61 -7.44 12.73
N ASP A 24 -5.54 -7.16 11.83
CA ASP A 24 -6.87 -7.74 11.90
C ASP A 24 -7.43 -8.01 10.51
N GLY A 25 -6.66 -7.66 9.49
CA GLY A 25 -7.08 -7.87 8.12
C GLY A 25 -8.19 -6.93 7.69
N CYS A 26 -8.03 -5.65 8.03
CA CYS A 26 -9.03 -4.65 7.67
C CYS A 26 -8.51 -3.74 6.57
N ILE A 27 -9.44 -3.09 5.86
CA ILE A 27 -9.08 -2.19 4.76
C ILE A 27 -8.89 -0.76 5.27
N TYR A 28 -7.71 -0.21 5.01
CA TYR A 28 -7.40 1.15 5.44
C TYR A 28 -6.74 1.94 4.32
N PRO A 29 -6.91 3.27 4.32
CA PRO A 29 -6.31 4.14 3.29
C PRO A 29 -4.79 4.07 3.29
N ALA A 30 -4.20 4.04 2.10
CA ALA A 30 -2.75 3.95 1.96
C ALA A 30 -2.25 4.78 0.78
N THR A 31 -0.95 5.03 0.74
CA THR A 31 -0.34 5.79 -0.33
C THR A 31 1.04 5.23 -0.70
N ILE A 32 1.14 4.67 -1.91
CA ILE A 32 2.40 4.09 -2.37
C ILE A 32 3.52 5.12 -2.38
N ALA A 33 4.42 5.02 -1.39
CA ALA A 33 5.53 5.95 -1.28
C ALA A 33 6.76 5.47 -2.05
N SER A 34 6.95 4.17 -2.10
CA SER A 34 8.10 3.59 -2.81
C SER A 34 7.76 2.20 -3.34
N ILE A 35 8.48 1.77 -4.37
CA ILE A 35 8.24 0.46 -4.96
C ILE A 35 9.55 -0.23 -5.34
N ASP A 36 9.56 -1.54 -5.23
CA ASP A 36 10.73 -2.33 -5.57
C ASP A 36 10.37 -3.39 -6.62
N PHE A 37 11.21 -3.52 -7.64
CA PHE A 37 10.97 -4.50 -8.70
C PHE A 37 11.81 -5.76 -8.50
N LYS A 38 12.45 -5.87 -7.34
CA LYS A 38 13.28 -7.03 -7.04
C LYS A 38 12.42 -8.18 -6.55
N ARG A 39 11.93 -8.08 -5.32
CA ARG A 39 11.08 -9.12 -4.74
C ARG A 39 9.62 -8.82 -5.00
N GLU A 40 9.36 -8.00 -6.02
CA GLU A 40 8.00 -7.63 -6.40
C GLU A 40 7.20 -7.18 -5.18
N THR A 41 7.58 -6.03 -4.63
CA THR A 41 6.89 -5.49 -3.46
C THR A 41 6.88 -3.97 -3.48
N CYS A 42 6.37 -3.35 -2.42
CA CYS A 42 6.30 -1.90 -2.32
C CYS A 42 5.96 -1.47 -0.90
N VAL A 43 5.91 -0.15 -0.69
CA VAL A 43 5.61 0.42 0.62
C VAL A 43 4.43 1.38 0.53
N VAL A 44 3.53 1.32 1.51
CA VAL A 44 2.37 2.19 1.54
C VAL A 44 2.25 2.90 2.88
N VAL A 45 1.91 4.18 2.84
CA VAL A 45 1.76 4.98 4.06
C VAL A 45 0.30 5.03 4.49
N TYR A 46 0.05 4.74 5.76
CA TYR A 46 -1.30 4.76 6.30
C TYR A 46 -1.79 6.18 6.51
N THR A 47 -2.62 6.66 5.60
CA THR A 47 -3.17 8.01 5.68
C THR A 47 -4.00 8.20 6.94
N GLY A 48 -3.84 9.36 7.58
CA GLY A 48 -4.58 9.64 8.80
C GLY A 48 -3.96 8.99 10.03
N TYR A 49 -2.88 8.25 9.83
CA TYR A 49 -2.21 7.57 10.93
C TYR A 49 -0.80 8.14 11.15
N GLY A 50 0.19 7.51 10.54
CA GLY A 50 1.56 7.97 10.69
C GLY A 50 2.56 6.83 10.70
N ASN A 51 2.13 5.68 10.22
CA ASN A 51 2.98 4.50 10.17
C ASN A 51 3.16 4.01 8.74
N ARG A 52 4.24 3.27 8.50
CA ARG A 52 4.53 2.75 7.16
C ARG A 52 4.58 1.22 7.18
N GLU A 53 3.76 0.60 6.34
CA GLU A 53 3.71 -0.87 6.27
C GLU A 53 3.98 -1.36 4.85
N GLU A 54 4.94 -2.27 4.72
CA GLU A 54 5.29 -2.82 3.41
C GLU A 54 4.28 -3.88 2.99
N GLN A 55 3.81 -3.77 1.74
CA GLN A 55 2.84 -4.72 1.21
C GLN A 55 3.27 -5.22 -0.17
N ASN A 56 2.53 -6.20 -0.68
CA ASN A 56 2.82 -6.76 -2.00
C ASN A 56 1.95 -6.11 -3.07
N LEU A 57 2.53 -5.90 -4.25
CA LEU A 57 1.81 -5.29 -5.36
C LEU A 57 0.53 -6.05 -5.68
N SER A 58 0.64 -7.38 -5.74
CA SER A 58 -0.51 -8.22 -6.03
C SER A 58 -1.54 -8.18 -4.91
N ASP A 59 -1.13 -7.67 -3.75
CA ASP A 59 -2.03 -7.57 -2.60
C ASP A 59 -2.54 -6.15 -2.43
N LEU A 60 -2.29 -5.31 -3.43
CA LEU A 60 -2.74 -3.92 -3.38
C LEU A 60 -4.18 -3.79 -3.87
N LEU A 61 -4.94 -2.89 -3.25
CA LEU A 61 -6.33 -2.67 -3.62
C LEU A 61 -6.53 -1.25 -4.15
N SER A 62 -7.69 -1.03 -4.79
CA SER A 62 -8.01 0.28 -5.35
C SER A 62 -8.68 1.16 -4.28
N PRO A 63 -8.58 2.49 -4.42
CA PRO A 63 -9.18 3.44 -3.47
C PRO A 63 -10.70 3.33 -3.43
N ILE A 64 -11.30 3.06 -4.59
CA ILE A 64 -12.74 2.93 -4.69
C ILE A 64 -13.14 2.37 -6.06
N GLN A 9 -3.75 3.50 -13.05
CA GLN A 9 -2.96 3.38 -14.27
C GLN A 9 -1.52 2.99 -13.94
N GLN A 10 -1.29 1.68 -13.81
CA GLN A 10 0.04 1.16 -13.49
C GLN A 10 0.46 1.59 -12.09
N TRP A 11 0.97 0.63 -11.31
CA TRP A 11 1.40 0.91 -9.95
C TRP A 11 2.76 1.60 -9.94
N LYS A 12 2.79 2.82 -9.45
CA LYS A 12 4.03 3.60 -9.38
C LYS A 12 4.07 4.43 -8.10
N VAL A 13 5.23 4.98 -7.79
CA VAL A 13 5.41 5.78 -6.58
C VAL A 13 4.50 7.00 -6.60
N GLY A 14 3.59 7.06 -5.63
CA GLY A 14 2.67 8.18 -5.54
C GLY A 14 1.32 7.84 -6.15
N ASP A 15 0.52 7.07 -5.43
CA ASP A 15 -0.80 6.68 -5.91
C ASP A 15 -1.71 6.29 -4.75
N LYS A 16 -2.83 7.00 -4.62
CA LYS A 16 -3.80 6.72 -3.57
C LYS A 16 -4.44 5.35 -3.76
N CYS A 17 -3.99 4.38 -2.98
CA CYS A 17 -4.52 3.03 -3.06
C CYS A 17 -5.03 2.54 -1.70
N SER A 18 -5.17 1.23 -1.56
CA SER A 18 -5.64 0.64 -0.32
C SER A 18 -4.87 -0.63 0.02
N ALA A 19 -4.57 -0.83 1.30
CA ALA A 19 -3.84 -2.00 1.74
C ALA A 19 -4.44 -2.57 3.02
N ILE A 20 -4.22 -3.87 3.23
CA ILE A 20 -4.73 -4.55 4.42
C ILE A 20 -3.67 -4.61 5.51
N TRP A 21 -4.08 -4.30 6.74
CA TRP A 21 -3.16 -4.34 7.88
C TRP A 21 -3.08 -5.75 8.46
N SER A 22 -1.86 -6.22 8.69
CA SER A 22 -1.65 -7.56 9.24
C SER A 22 -1.64 -7.54 10.77
N GLU A 23 -2.10 -6.44 11.35
CA GLU A 23 -2.14 -6.32 12.80
C GLU A 23 -3.53 -6.66 13.33
N ASP A 24 -4.54 -6.40 12.52
CA ASP A 24 -5.92 -6.68 12.89
C ASP A 24 -6.60 -7.53 11.82
N GLY A 25 -6.86 -6.91 10.67
CA GLY A 25 -7.49 -7.63 9.58
C GLY A 25 -8.56 -6.80 8.90
N CYS A 26 -8.19 -5.61 8.45
CA CYS A 26 -9.13 -4.72 7.77
C CYS A 26 -8.43 -3.90 6.68
N ILE A 27 -9.22 -3.28 5.82
CA ILE A 27 -8.69 -2.47 4.73
C ILE A 27 -8.76 -0.98 5.06
N TYR A 28 -7.63 -0.29 4.87
CA TYR A 28 -7.57 1.13 5.14
C TYR A 28 -6.83 1.87 4.02
N PRO A 29 -7.12 3.16 3.82
CA PRO A 29 -6.48 3.96 2.77
C PRO A 29 -4.96 4.03 2.95
N ALA A 30 -4.24 4.12 1.84
CA ALA A 30 -2.79 4.18 1.86
C ALA A 30 -2.24 4.96 0.68
N THR A 31 -0.95 5.31 0.74
CA THR A 31 -0.30 6.06 -0.32
C THR A 31 1.03 5.42 -0.70
N ILE A 32 1.14 4.99 -1.96
CA ILE A 32 2.36 4.36 -2.44
C ILE A 32 3.57 5.28 -2.29
N ALA A 33 4.37 5.04 -1.26
CA ALA A 33 5.55 5.86 -0.99
C ALA A 33 6.78 5.30 -1.71
N SER A 34 6.87 3.98 -1.79
CA SER A 34 8.00 3.32 -2.44
C SER A 34 7.59 1.98 -3.02
N ILE A 35 8.29 1.55 -4.07
CA ILE A 35 7.99 0.28 -4.71
C ILE A 35 9.27 -0.47 -5.05
N ASP A 36 9.19 -1.79 -5.06
CA ASP A 36 10.33 -2.63 -5.39
C ASP A 36 9.95 -3.61 -6.51
N PHE A 37 10.18 -3.18 -7.75
CA PHE A 37 9.87 -3.99 -8.92
C PHE A 37 10.81 -5.19 -9.00
N LYS A 38 12.00 -5.06 -8.44
CA LYS A 38 12.99 -6.12 -8.46
C LYS A 38 12.34 -7.44 -8.03
N ARG A 39 11.97 -7.52 -6.76
CA ARG A 39 11.33 -8.72 -6.22
C ARG A 39 9.83 -8.67 -6.50
N GLU A 40 9.07 -8.11 -5.55
CA GLU A 40 7.61 -7.99 -5.68
C GLU A 40 7.00 -7.39 -4.43
N THR A 41 7.48 -6.20 -4.04
CA THR A 41 6.97 -5.54 -2.85
C THR A 41 6.81 -4.03 -3.05
N CYS A 42 6.25 -3.36 -2.05
CA CYS A 42 6.05 -1.92 -2.10
C CYS A 42 5.57 -1.39 -0.74
N VAL A 43 6.14 -0.27 -0.31
CA VAL A 43 5.78 0.33 0.97
C VAL A 43 4.65 1.34 0.81
N VAL A 44 3.71 1.34 1.76
CA VAL A 44 2.58 2.25 1.73
C VAL A 44 2.42 2.97 3.06
N VAL A 45 1.89 4.19 3.01
CA VAL A 45 1.68 4.99 4.23
C VAL A 45 0.21 5.04 4.60
N TYR A 46 -0.08 4.83 5.89
CA TYR A 46 -1.46 4.85 6.37
C TYR A 46 -1.95 6.28 6.55
N THR A 47 -2.82 6.72 5.64
CA THR A 47 -3.37 8.07 5.68
C THR A 47 -4.17 8.30 6.96
N GLY A 48 -3.71 9.24 7.78
CA GLY A 48 -4.40 9.56 9.02
C GLY A 48 -3.83 8.85 10.23
N TYR A 49 -3.18 7.71 10.01
CA TYR A 49 -2.60 6.94 11.11
C TYR A 49 -1.12 7.27 11.29
N GLY A 50 -0.50 7.78 10.24
CA GLY A 50 0.91 8.13 10.30
C GLY A 50 1.83 6.91 10.33
N ASN A 51 1.24 5.74 10.50
CA ASN A 51 2.00 4.49 10.54
C ASN A 51 2.37 4.04 9.13
N ARG A 52 3.43 3.24 9.02
CA ARG A 52 3.88 2.75 7.73
C ARG A 52 4.05 1.22 7.75
N GLU A 53 3.65 0.57 6.66
CA GLU A 53 3.76 -0.88 6.54
C GLU A 53 4.00 -1.29 5.09
N GLU A 54 4.59 -2.45 4.91
CA GLU A 54 4.87 -2.96 3.56
C GLU A 54 3.80 -3.94 3.10
N GLN A 55 3.57 -3.96 1.79
CA GLN A 55 2.57 -4.86 1.21
C GLN A 55 3.04 -5.38 -0.14
N ASN A 56 2.25 -6.27 -0.74
CA ASN A 56 2.59 -6.85 -2.03
C ASN A 56 1.82 -6.18 -3.17
N LEU A 57 2.47 -6.03 -4.31
CA LEU A 57 1.85 -5.40 -5.47
C LEU A 57 0.60 -6.17 -5.90
N SER A 58 0.70 -7.50 -5.92
CA SER A 58 -0.42 -8.35 -6.31
C SER A 58 -1.59 -8.21 -5.32
N ASP A 59 -1.29 -7.68 -4.14
CA ASP A 59 -2.31 -7.50 -3.10
C ASP A 59 -2.72 -6.04 -2.98
N LEU A 60 -2.23 -5.21 -3.90
CA LEU A 60 -2.55 -3.78 -3.88
C LEU A 60 -3.98 -3.54 -4.37
N LEU A 61 -4.74 -2.75 -3.62
CA LEU A 61 -6.11 -2.44 -3.97
C LEU A 61 -6.24 -1.02 -4.50
N SER A 62 -7.30 -0.76 -5.25
CA SER A 62 -7.54 0.57 -5.80
C SER A 62 -8.29 1.45 -4.80
N PRO A 63 -8.26 2.78 -4.99
CA PRO A 63 -8.94 3.73 -4.09
C PRO A 63 -10.37 3.31 -3.80
N ILE A 64 -10.74 3.32 -2.53
CA ILE A 64 -12.09 2.95 -2.10
C ILE A 64 -13.13 3.91 -2.64
N GLN A 9 -4.77 2.17 -13.03
CA GLN A 9 -4.60 0.72 -13.06
C GLN A 9 -3.17 0.35 -12.66
N GLN A 10 -2.20 0.83 -13.41
CA GLN A 10 -0.80 0.55 -13.13
C GLN A 10 -0.36 1.23 -11.83
N TRP A 11 0.36 0.50 -10.99
CA TRP A 11 0.83 1.02 -9.72
C TRP A 11 2.19 1.69 -9.87
N LYS A 12 2.32 2.90 -9.33
CA LYS A 12 3.57 3.66 -9.39
C LYS A 12 3.75 4.49 -8.14
N VAL A 13 4.90 5.16 -8.04
CA VAL A 13 5.20 6.00 -6.89
C VAL A 13 4.24 7.19 -6.83
N GLY A 14 3.64 7.40 -5.65
CA GLY A 14 2.72 8.50 -5.49
C GLY A 14 1.37 8.20 -6.10
N ASP A 15 0.60 7.33 -5.45
CA ASP A 15 -0.73 6.95 -5.93
C ASP A 15 -1.62 6.52 -4.78
N LYS A 16 -2.85 7.04 -4.76
CA LYS A 16 -3.80 6.71 -3.70
C LYS A 16 -4.39 5.32 -3.91
N CYS A 17 -4.10 4.41 -2.98
CA CYS A 17 -4.61 3.05 -3.07
C CYS A 17 -5.13 2.58 -1.72
N SER A 18 -5.20 1.26 -1.54
CA SER A 18 -5.68 0.68 -0.29
C SER A 18 -4.87 -0.56 0.08
N ALA A 19 -4.68 -0.76 1.38
CA ALA A 19 -3.92 -1.91 1.87
C ALA A 19 -4.50 -2.44 3.17
N ILE A 20 -4.29 -3.73 3.42
CA ILE A 20 -4.80 -4.36 4.64
C ILE A 20 -3.76 -4.32 5.75
N TRP A 21 -4.23 -4.18 6.99
CA TRP A 21 -3.34 -4.12 8.14
C TRP A 21 -3.14 -5.51 8.74
N SER A 22 -1.98 -5.71 9.36
CA SER A 22 -1.66 -6.99 9.98
C SER A 22 -2.07 -7.00 11.44
N GLU A 23 -2.77 -5.95 11.87
CA GLU A 23 -3.21 -5.85 13.25
C GLU A 23 -4.60 -6.47 13.43
N ASP A 24 -5.58 -5.91 12.72
CA ASP A 24 -6.95 -6.41 12.79
C ASP A 24 -7.36 -7.08 11.48
N GLY A 25 -6.54 -6.91 10.46
CA GLY A 25 -6.83 -7.51 9.16
C GLY A 25 -7.96 -6.80 8.43
N CYS A 26 -7.83 -5.49 8.28
CA CYS A 26 -8.86 -4.70 7.59
C CYS A 26 -8.22 -3.76 6.57
N ILE A 27 -9.02 -3.31 5.60
CA ILE A 27 -8.53 -2.42 4.56
C ILE A 27 -8.63 -0.95 4.98
N TYR A 28 -7.54 -0.22 4.79
CA TYR A 28 -7.49 1.20 5.14
C TYR A 28 -6.79 1.99 4.05
N PRO A 29 -7.16 3.28 3.86
CA PRO A 29 -6.55 4.12 2.84
C PRO A 29 -5.04 4.26 3.04
N ALA A 30 -4.30 4.29 1.93
CA ALA A 30 -2.85 4.41 1.99
C ALA A 30 -2.29 5.14 0.77
N THR A 31 -0.99 5.41 0.79
CA THR A 31 -0.33 6.10 -0.31
C THR A 31 1.02 5.46 -0.63
N ILE A 32 1.15 4.98 -1.87
CA ILE A 32 2.39 4.33 -2.30
C ILE A 32 3.55 5.30 -2.31
N ALA A 33 4.54 5.04 -1.45
CA ALA A 33 5.71 5.90 -1.34
C ALA A 33 6.87 5.38 -2.19
N SER A 34 7.04 4.07 -2.24
CA SER A 34 8.12 3.47 -3.02
C SER A 34 7.75 2.07 -3.51
N ILE A 35 8.33 1.68 -4.64
CA ILE A 35 8.06 0.36 -5.23
C ILE A 35 9.34 -0.29 -5.74
N ASP A 36 9.41 -1.60 -5.63
CA ASP A 36 10.58 -2.33 -6.09
C ASP A 36 10.17 -3.47 -7.01
N PHE A 37 10.88 -3.61 -8.14
CA PHE A 37 10.57 -4.66 -9.10
C PHE A 37 11.50 -5.85 -8.93
N LYS A 38 12.15 -5.93 -7.78
CA LYS A 38 13.06 -7.02 -7.48
C LYS A 38 12.31 -8.19 -6.84
N ARG A 39 11.75 -7.94 -5.67
CA ARG A 39 10.99 -8.96 -4.95
C ARG A 39 9.49 -8.66 -5.01
N GLU A 40 9.10 -7.86 -5.99
CA GLU A 40 7.71 -7.49 -6.17
C GLU A 40 7.11 -6.99 -4.86
N THR A 41 7.57 -5.83 -4.42
CA THR A 41 7.09 -5.24 -3.17
C THR A 41 6.84 -3.74 -3.33
N CYS A 42 6.29 -3.13 -2.28
CA CYS A 42 5.99 -1.70 -2.30
C CYS A 42 5.64 -1.22 -0.90
N VAL A 43 6.20 -0.08 -0.51
CA VAL A 43 5.93 0.49 0.81
C VAL A 43 4.75 1.45 0.74
N VAL A 44 3.82 1.29 1.68
CA VAL A 44 2.62 2.14 1.73
C VAL A 44 2.49 2.82 3.08
N VAL A 45 2.01 4.05 3.07
CA VAL A 45 1.82 4.82 4.28
C VAL A 45 0.33 5.01 4.57
N TYR A 46 -0.09 4.72 5.80
CA TYR A 46 -1.48 4.85 6.18
C TYR A 46 -1.85 6.32 6.37
N THR A 47 -3.01 6.71 5.86
CA THR A 47 -3.47 8.09 5.95
C THR A 47 -3.47 8.59 7.39
N GLY A 48 -4.58 8.36 8.09
CA GLY A 48 -4.69 8.79 9.47
C GLY A 48 -3.67 8.13 10.38
N TYR A 49 -3.67 6.80 10.38
CA TYR A 49 -2.75 6.03 11.22
C TYR A 49 -1.32 6.55 11.09
N GLY A 50 -0.91 6.83 9.85
CA GLY A 50 0.43 7.34 9.61
C GLY A 50 1.48 6.24 9.60
N ASN A 51 1.21 5.15 10.30
CA ASN A 51 2.14 4.03 10.36
C ASN A 51 2.43 3.48 8.97
N ARG A 52 3.66 2.98 8.78
CA ARG A 52 4.06 2.42 7.49
C ARG A 52 3.98 0.90 7.51
N GLU A 53 3.82 0.31 6.34
CA GLU A 53 3.73 -1.14 6.22
C GLU A 53 4.07 -1.60 4.79
N GLU A 54 4.98 -2.54 4.68
CA GLU A 54 5.40 -3.06 3.37
C GLU A 54 4.40 -4.10 2.86
N GLN A 55 3.89 -3.87 1.65
CA GLN A 55 2.94 -4.80 1.03
C GLN A 55 3.38 -5.16 -0.38
N ASN A 56 2.66 -6.10 -0.99
CA ASN A 56 2.99 -6.54 -2.34
C ASN A 56 2.07 -5.89 -3.37
N LEU A 57 2.62 -5.55 -4.53
CA LEU A 57 1.85 -4.91 -5.60
C LEU A 57 0.68 -5.80 -6.03
N SER A 58 0.92 -7.10 -6.10
CA SER A 58 -0.10 -8.05 -6.50
C SER A 58 -1.21 -8.14 -5.45
N ASP A 59 -0.94 -7.58 -4.26
CA ASP A 59 -1.90 -7.60 -3.18
C ASP A 59 -2.47 -6.20 -2.92
N LEU A 60 -1.98 -5.23 -3.67
CA LEU A 60 -2.44 -3.85 -3.52
C LEU A 60 -3.88 -3.71 -4.01
N LEU A 61 -4.65 -2.87 -3.31
CA LEU A 61 -6.05 -2.64 -3.67
C LEU A 61 -6.27 -1.22 -4.17
N SER A 62 -7.45 -0.96 -4.72
CA SER A 62 -7.80 0.36 -5.22
C SER A 62 -8.43 1.21 -4.13
N PRO A 63 -8.42 2.55 -4.28
CA PRO A 63 -9.02 3.47 -3.29
C PRO A 63 -10.54 3.53 -3.38
N ILE A 64 -11.18 2.36 -3.26
CA ILE A 64 -12.63 2.28 -3.31
C ILE A 64 -13.18 2.87 -4.61
N GLN A 9 -5.03 1.87 -13.04
CA GLN A 9 -4.03 1.95 -14.08
C GLN A 9 -2.63 1.64 -13.54
N GLN A 10 -2.24 0.37 -13.61
CA GLN A 10 -0.93 -0.06 -13.15
C GLN A 10 -0.66 0.45 -11.73
N TRP A 11 0.63 0.64 -11.41
CA TRP A 11 1.02 1.13 -10.09
C TRP A 11 2.29 1.96 -10.17
N LYS A 12 2.25 3.16 -9.60
CA LYS A 12 3.41 4.05 -9.62
C LYS A 12 3.50 4.83 -8.31
N VAL A 13 4.69 5.36 -8.01
CA VAL A 13 4.90 6.12 -6.79
C VAL A 13 3.92 7.30 -6.71
N GLY A 14 3.33 7.48 -5.52
CA GLY A 14 2.39 8.55 -5.33
C GLY A 14 1.03 8.22 -5.92
N ASP A 15 0.31 7.30 -5.27
CA ASP A 15 -1.00 6.89 -5.74
C ASP A 15 -1.88 6.44 -4.57
N LYS A 16 -3.10 6.95 -4.54
CA LYS A 16 -4.04 6.61 -3.48
C LYS A 16 -4.56 5.18 -3.66
N CYS A 17 -4.03 4.27 -2.85
CA CYS A 17 -4.44 2.87 -2.92
C CYS A 17 -5.00 2.40 -1.57
N SER A 18 -5.19 1.09 -1.45
CA SER A 18 -5.71 0.51 -0.22
C SER A 18 -4.91 -0.74 0.17
N ALA A 19 -4.58 -0.84 1.45
CA ALA A 19 -3.82 -1.99 1.95
C ALA A 19 -4.40 -2.52 3.25
N ILE A 20 -4.26 -3.83 3.45
CA ILE A 20 -4.77 -4.47 4.65
C ILE A 20 -3.79 -4.34 5.81
N TRP A 21 -4.31 -4.07 7.01
CA TRP A 21 -3.47 -3.92 8.19
C TRP A 21 -3.25 -5.27 8.87
N SER A 22 -2.01 -5.51 9.26
CA SER A 22 -1.65 -6.77 9.93
C SER A 22 -1.93 -6.68 11.43
N GLU A 23 -2.99 -5.98 11.79
CA GLU A 23 -3.37 -5.83 13.20
C GLU A 23 -4.82 -6.24 13.42
N ASP A 24 -5.64 -6.06 12.39
CA ASP A 24 -7.05 -6.42 12.47
C ASP A 24 -7.52 -7.04 11.16
N GLY A 25 -6.69 -6.92 10.13
CA GLY A 25 -7.04 -7.48 8.83
C GLY A 25 -8.22 -6.78 8.19
N CYS A 26 -8.05 -5.50 7.90
CA CYS A 26 -9.12 -4.71 7.29
C CYS A 26 -8.56 -3.75 6.24
N ILE A 27 -9.44 -3.20 5.42
CA ILE A 27 -9.05 -2.27 4.37
C ILE A 27 -8.93 -0.85 4.90
N TYR A 28 -7.75 -0.25 4.71
CA TYR A 28 -7.51 1.11 5.17
C TYR A 28 -6.80 1.93 4.09
N PRO A 29 -7.03 3.26 4.06
CA PRO A 29 -6.40 4.14 3.07
C PRO A 29 -4.89 4.10 3.15
N ALA A 30 -4.24 4.08 1.98
CA ALA A 30 -2.78 4.03 1.92
C ALA A 30 -2.26 4.89 0.78
N THR A 31 -0.97 5.22 0.84
CA THR A 31 -0.34 6.02 -0.20
C THR A 31 1.03 5.44 -0.58
N ILE A 32 1.14 4.98 -1.82
CA ILE A 32 2.38 4.39 -2.30
C ILE A 32 3.53 5.37 -2.21
N ALA A 33 4.46 5.11 -1.29
CA ALA A 33 5.62 5.98 -1.11
C ALA A 33 6.81 5.50 -1.94
N SER A 34 7.02 4.19 -1.99
CA SER A 34 8.12 3.62 -2.75
C SER A 34 7.74 2.27 -3.35
N ILE A 35 8.29 1.96 -4.51
CA ILE A 35 8.00 0.70 -5.18
C ILE A 35 9.28 0.00 -5.64
N ASP A 36 9.31 -1.32 -5.48
CA ASP A 36 10.47 -2.11 -5.88
C ASP A 36 10.03 -3.23 -6.80
N PHE A 37 10.75 -3.40 -7.92
CA PHE A 37 10.42 -4.45 -8.89
C PHE A 37 11.27 -5.69 -8.65
N LYS A 38 11.96 -5.74 -7.52
CA LYS A 38 12.79 -6.87 -7.18
C LYS A 38 11.93 -8.10 -6.87
N ARG A 39 11.27 -8.06 -5.72
CA ARG A 39 10.40 -9.16 -5.30
C ARG A 39 8.95 -8.72 -5.24
N GLU A 40 8.59 -7.78 -6.11
CA GLU A 40 7.23 -7.26 -6.18
C GLU A 40 6.77 -6.79 -4.80
N THR A 41 7.29 -5.65 -4.36
CA THR A 41 6.93 -5.09 -3.06
C THR A 41 6.84 -3.57 -3.11
N CYS A 42 6.37 -2.98 -2.02
CA CYS A 42 6.24 -1.53 -1.92
C CYS A 42 6.04 -1.09 -0.48
N VAL A 43 6.16 0.21 -0.24
CA VAL A 43 5.99 0.77 1.09
C VAL A 43 4.80 1.73 1.13
N VAL A 44 3.67 1.25 1.64
CA VAL A 44 2.47 2.05 1.72
C VAL A 44 2.30 2.70 3.09
N VAL A 45 1.90 3.97 3.09
CA VAL A 45 1.69 4.70 4.34
C VAL A 45 0.21 4.80 4.66
N TYR A 46 -0.15 4.48 5.89
CA TYR A 46 -1.55 4.53 6.32
C TYR A 46 -1.99 5.98 6.53
N THR A 47 -2.80 6.48 5.62
CA THR A 47 -3.29 7.85 5.69
C THR A 47 -4.15 8.06 6.94
N GLY A 48 -3.53 8.58 8.00
CA GLY A 48 -4.25 8.84 9.22
C GLY A 48 -3.73 8.03 10.40
N TYR A 49 -2.66 7.28 10.19
CA TYR A 49 -2.08 6.45 11.25
C TYR A 49 -0.60 6.77 11.45
N GLY A 50 0.02 7.37 10.43
CA GLY A 50 1.42 7.73 10.52
C GLY A 50 2.32 6.52 10.70
N ASN A 51 1.96 5.42 10.03
CA ASN A 51 2.74 4.19 10.13
C ASN A 51 3.06 3.64 8.74
N ARG A 52 4.22 3.03 8.59
CA ARG A 52 4.64 2.46 7.32
C ARG A 52 4.60 0.94 7.37
N GLU A 53 4.19 0.33 6.25
CA GLU A 53 4.11 -1.13 6.16
C GLU A 53 4.36 -1.60 4.74
N GLU A 54 5.26 -2.57 4.60
CA GLU A 54 5.61 -3.13 3.30
C GLU A 54 4.62 -4.21 2.89
N GLN A 55 4.14 -4.15 1.65
CA GLN A 55 3.20 -5.12 1.13
C GLN A 55 3.57 -5.53 -0.30
N ASN A 56 2.83 -6.48 -0.85
CA ASN A 56 3.08 -6.95 -2.20
C ASN A 56 2.15 -6.26 -3.20
N LEU A 57 2.70 -5.89 -4.36
CA LEU A 57 1.93 -5.21 -5.39
C LEU A 57 0.72 -6.04 -5.82
N SER A 58 0.90 -7.35 -5.86
CA SER A 58 -0.17 -8.26 -6.26
C SER A 58 -1.30 -8.26 -5.23
N ASP A 59 -1.03 -7.69 -4.06
CA ASP A 59 -2.04 -7.63 -2.99
C ASP A 59 -2.51 -6.19 -2.78
N LEU A 60 -2.13 -5.30 -3.69
CA LEU A 60 -2.53 -3.90 -3.60
C LEU A 60 -3.97 -3.71 -4.07
N LEU A 61 -4.76 -3.01 -3.27
CA LEU A 61 -6.16 -2.75 -3.61
C LEU A 61 -6.30 -1.42 -4.35
N SER A 62 -7.36 -1.30 -5.14
CA SER A 62 -7.61 -0.07 -5.90
C SER A 62 -8.51 0.88 -5.13
N PRO A 63 -8.40 2.19 -5.38
CA PRO A 63 -9.22 3.20 -4.71
C PRO A 63 -10.65 3.22 -5.21
N ILE A 64 -11.36 4.31 -4.93
CA ILE A 64 -12.75 4.45 -5.34
C ILE A 64 -12.92 5.64 -6.29
#